data_4AYI
#
_entry.id   4AYI
#
_cell.length_a   57.130
_cell.length_b   57.130
_cell.length_c   363.050
_cell.angle_alpha   90.00
_cell.angle_beta   90.00
_cell.angle_gamma   90.00
#
_symmetry.space_group_name_H-M   'P 41 21 2'
#
loop_
_entity.id
_entity.type
_entity.pdbx_description
1 polymer 'COMPLEMENT FACTOR H'
2 polymer 'LIPOPROTEIN GNA1870 CCOMPND 7'
3 non-polymer 1,2-ETHANEDIOL
4 water water
#
loop_
_entity_poly.entity_id
_entity_poly.type
_entity_poly.pdbx_seq_one_letter_code
_entity_poly.pdbx_strand_id
1 'polypeptide(L)'
;MGTLKPCDYPDIKHGGLYHENMRRPYFPVAVGKYYSYYCDEHFETPSGSYWDHIHCTQDGWSPAVPCLRKCYFPYLENGY
NQNHGRKFVQGKSIDVACHPGYALPKAQTTVTCMENGWSPTPRCI
;
A,E
2 'polypeptide(L)'
;MGPDSDRLQQRRVAADIGTGLADALTAPLDHKDKGLKSLTLEDSIPQNGTLTLSAQGAEKTFKAGDKDNSLNTGKLKNDK
ISRFDFVQKIEVDGQTITLASGEFQIYKQNHSAVVALQIEKINNPDKTDSLINQRSFLVSGLGGEHTAFNQLPGGKAEYH
GKAFSSDDPNGRLHYSIDFTKKQGYGRIEHLKTLEQNVELAAAELKADEKSHAVILGDTRYGSEEKGTYHLALFGDRAQE
IAGSATVKIGEKVHEIGIAGKQLEHHHHHH
;
D
#
loop_
_chem_comp.id
_chem_comp.type
_chem_comp.name
_chem_comp.formula
EDO non-polymer 1,2-ETHANEDIOL 'C2 H6 O2'
#
# COMPACT_ATOMS: atom_id res chain seq x y z
N PRO A 6 29.09 -1.09 11.90
CA PRO A 6 29.16 -1.17 10.43
C PRO A 6 28.08 -2.12 9.91
N CYS A 7 27.09 -1.57 9.18
CA CYS A 7 25.94 -2.31 8.66
C CYS A 7 26.20 -2.91 7.29
N ASP A 8 25.90 -4.19 7.12
CA ASP A 8 26.03 -4.91 5.85
C ASP A 8 24.82 -4.57 4.97
N TYR A 9 24.72 -5.14 3.75
CA TYR A 9 23.60 -4.88 2.84
C TYR A 9 22.27 -5.13 3.56
N PRO A 10 21.30 -4.19 3.51
CA PRO A 10 20.03 -4.42 4.23
C PRO A 10 19.11 -5.40 3.54
N ASP A 11 18.66 -6.39 4.32
CA ASP A 11 17.66 -7.35 3.86
C ASP A 11 16.35 -6.68 4.23
N ILE A 12 15.78 -5.96 3.27
CA ILE A 12 14.54 -5.23 3.49
C ILE A 12 13.44 -6.16 3.01
N LYS A 13 12.78 -6.82 3.97
CA LYS A 13 11.71 -7.75 3.65
C LYS A 13 10.51 -6.96 3.17
N HIS A 14 10.05 -7.30 1.96
CA HIS A 14 8.96 -6.66 1.24
C HIS A 14 9.34 -5.28 0.66
N GLY A 15 10.64 -5.05 0.48
CA GLY A 15 11.16 -3.82 -0.09
C GLY A 15 12.52 -3.97 -0.71
N GLY A 16 13.26 -2.89 -0.73
CA GLY A 16 14.61 -2.88 -1.26
C GLY A 16 15.14 -1.49 -1.47
N LEU A 17 16.41 -1.42 -1.84
CA LEU A 17 17.09 -0.17 -2.07
C LEU A 17 16.89 0.36 -3.45
N TYR A 18 16.82 1.69 -3.57
CA TYR A 18 16.83 2.35 -4.87
C TYR A 18 18.32 2.32 -5.26
N HIS A 19 18.65 2.46 -6.55
CA HIS A 19 20.05 2.45 -7.02
C HIS A 19 20.86 1.27 -6.44
N GLU A 20 20.24 0.06 -6.36
CA GLU A 20 20.83 -1.16 -5.80
C GLU A 20 22.19 -1.52 -6.39
N ASN A 21 22.31 -1.47 -7.72
CA ASN A 21 23.53 -1.80 -8.46
C ASN A 21 24.72 -0.92 -8.05
N MET A 22 24.49 0.40 -7.88
CA MET A 22 25.51 1.39 -7.50
C MET A 22 25.99 1.21 -6.07
N ARG A 23 25.03 1.01 -5.15
CA ARG A 23 25.24 0.90 -3.71
C ARG A 23 25.80 -0.45 -3.22
N ARG A 24 25.38 -1.58 -3.84
CA ARG A 24 25.80 -2.94 -3.49
C ARG A 24 27.31 -3.11 -3.28
N PRO A 25 28.20 -2.66 -4.22
CA PRO A 25 29.64 -2.89 -4.02
C PRO A 25 30.30 -2.16 -2.85
N TYR A 26 29.55 -1.28 -2.13
CA TYR A 26 30.11 -0.43 -1.06
C TYR A 26 29.75 -0.82 0.35
N PHE A 27 29.12 -1.97 0.50
CA PHE A 27 28.80 -2.49 1.82
C PHE A 27 29.98 -3.28 2.43
N PRO A 28 30.24 -3.21 3.75
CA PRO A 28 29.48 -2.51 4.81
C PRO A 28 29.65 -0.99 4.85
N VAL A 29 28.63 -0.30 5.36
CA VAL A 29 28.60 1.16 5.53
C VAL A 29 28.76 1.55 7.00
N ALA A 30 29.41 2.68 7.28
CA ALA A 30 29.62 3.17 8.65
C ALA A 30 28.31 3.65 9.29
N VAL A 31 28.32 3.76 10.62
CA VAL A 31 27.16 4.24 11.39
C VAL A 31 26.92 5.73 11.01
N GLY A 32 25.68 6.06 10.69
CA GLY A 32 25.28 7.39 10.27
C GLY A 32 24.87 7.42 8.81
N LYS A 33 25.25 6.37 8.04
CA LYS A 33 24.91 6.25 6.63
C LYS A 33 23.45 5.87 6.45
N TYR A 34 22.83 6.37 5.39
CA TYR A 34 21.40 6.15 5.13
C TYR A 34 21.14 6.07 3.64
N TYR A 35 20.10 5.31 3.27
CA TYR A 35 19.75 5.11 1.89
C TYR A 35 18.27 5.14 1.69
N SER A 36 17.86 5.65 0.51
CA SER A 36 16.46 5.66 0.10
C SER A 36 16.05 4.24 -0.23
N TYR A 37 14.86 3.84 0.21
CA TYR A 37 14.34 2.50 -0.03
C TYR A 37 12.86 2.60 -0.36
N TYR A 38 12.32 1.59 -1.05
CA TYR A 38 10.92 1.49 -1.44
C TYR A 38 10.27 0.26 -0.77
N CYS A 39 8.92 0.19 -0.80
CA CYS A 39 8.19 -0.97 -0.32
C CYS A 39 7.41 -1.57 -1.49
N ASP A 40 7.33 -2.90 -1.52
CA ASP A 40 6.60 -3.64 -2.57
C ASP A 40 5.10 -3.46 -2.45
N GLU A 41 4.37 -4.06 -3.41
CA GLU A 41 2.91 -4.13 -3.49
C GLU A 41 2.37 -4.67 -2.17
N HIS A 42 1.26 -4.08 -1.67
CA HIS A 42 0.59 -4.40 -0.40
C HIS A 42 1.39 -3.96 0.82
N PHE A 43 2.51 -3.25 0.62
CA PHE A 43 3.33 -2.79 1.74
C PHE A 43 3.60 -1.30 1.70
N GLU A 44 3.91 -0.73 2.87
CA GLU A 44 4.24 0.67 3.03
C GLU A 44 5.21 0.92 4.15
N THR A 45 5.85 2.08 4.12
CA THR A 45 6.82 2.50 5.14
C THR A 45 6.06 2.90 6.43
N PRO A 46 6.70 2.93 7.63
CA PRO A 46 5.98 3.37 8.84
C PRO A 46 5.36 4.78 8.74
N SER A 47 5.90 5.64 7.85
CA SER A 47 5.41 7.01 7.60
C SER A 47 4.18 7.03 6.69
N GLY A 48 3.77 5.87 6.17
CA GLY A 48 2.60 5.71 5.33
C GLY A 48 2.82 6.02 3.86
N SER A 49 4.08 5.98 3.43
CA SER A 49 4.49 6.25 2.05
C SER A 49 5.04 4.96 1.40
N TYR A 50 5.28 4.98 0.08
CA TYR A 50 5.85 3.81 -0.61
C TYR A 50 7.38 3.79 -0.49
N TRP A 51 7.99 4.93 -0.09
CA TRP A 51 9.43 5.06 0.07
C TRP A 51 9.82 5.90 1.31
N ASP A 52 11.07 5.74 1.77
CA ASP A 52 11.69 6.49 2.89
C ASP A 52 13.19 6.23 2.90
N HIS A 53 13.87 6.57 3.99
CA HIS A 53 15.30 6.33 4.19
C HIS A 53 15.51 5.32 5.29
N ILE A 54 16.45 4.38 5.09
CA ILE A 54 16.83 3.39 6.08
C ILE A 54 18.21 3.80 6.60
N HIS A 55 18.37 3.85 7.93
CA HIS A 55 19.59 4.37 8.56
C HIS A 55 20.43 3.32 9.24
N CYS A 56 21.75 3.43 9.10
CA CYS A 56 22.68 2.55 9.77
C CYS A 56 23.00 3.19 11.11
N THR A 57 22.41 2.63 12.17
CA THR A 57 22.51 3.07 13.57
C THR A 57 23.49 2.13 14.30
N GLN A 58 23.84 2.47 15.56
CA GLN A 58 24.72 1.65 16.41
C GLN A 58 24.03 0.32 16.76
N ASP A 59 22.67 0.30 16.71
CA ASP A 59 21.81 -0.86 16.96
C ASP A 59 21.43 -1.61 15.65
N GLY A 60 22.07 -1.25 14.53
CA GLY A 60 21.79 -1.83 13.21
C GLY A 60 20.90 -0.95 12.35
N TRP A 61 20.24 -1.55 11.34
CA TRP A 61 19.36 -0.83 10.42
C TRP A 61 18.07 -0.32 11.09
N SER A 62 17.73 0.97 10.83
CA SER A 62 16.54 1.65 11.35
C SER A 62 15.76 2.35 10.23
N PRO A 63 14.43 2.17 10.06
CA PRO A 63 13.50 1.33 10.86
C PRO A 63 13.84 -0.15 10.83
N ALA A 64 13.57 -0.83 11.93
CA ALA A 64 13.81 -2.25 12.13
C ALA A 64 12.83 -3.06 11.27
N VAL A 65 11.59 -2.56 11.11
CA VAL A 65 10.57 -3.14 10.22
C VAL A 65 10.29 -2.06 9.15
N PRO A 66 11.08 -2.04 8.05
CA PRO A 66 10.94 -0.96 7.07
C PRO A 66 9.64 -0.95 6.28
N CYS A 67 9.08 -2.14 6.04
CA CYS A 67 7.87 -2.32 5.25
C CYS A 67 6.78 -3.08 5.99
N LEU A 68 5.64 -2.40 6.15
CA LEU A 68 4.44 -2.87 6.86
C LEU A 68 3.33 -3.13 5.88
N ARG A 69 2.55 -4.18 6.14
CA ARG A 69 1.42 -4.53 5.30
C ARG A 69 0.36 -3.46 5.41
N LYS A 70 -0.30 -3.21 4.29
CA LYS A 70 -1.46 -2.35 4.20
C LYS A 70 -2.58 -3.18 3.57
N CYS A 71 -3.71 -3.23 4.27
CA CYS A 71 -4.86 -4.00 3.85
C CYS A 71 -5.98 -3.03 3.52
N TYR A 72 -6.53 -3.14 2.31
CA TYR A 72 -7.65 -2.32 1.89
C TYR A 72 -8.91 -3.12 2.17
N PHE A 73 -9.92 -2.49 2.80
CA PHE A 73 -11.16 -3.20 3.11
C PHE A 73 -11.96 -3.47 1.83
N PRO A 74 -12.23 -4.75 1.51
CA PRO A 74 -12.91 -5.06 0.25
C PRO A 74 -14.41 -4.81 0.26
N TYR A 75 -15.01 -4.73 -0.94
CA TYR A 75 -16.46 -4.61 -1.11
C TYR A 75 -17.07 -5.92 -0.61
N LEU A 76 -18.14 -5.81 0.18
CA LEU A 76 -18.80 -6.98 0.73
C LEU A 76 -20.12 -7.17 0.06
N GLU A 77 -20.27 -8.31 -0.63
CA GLU A 77 -21.56 -8.70 -1.19
C GLU A 77 -22.22 -9.33 0.04
N ASN A 78 -23.50 -8.97 0.32
CA ASN A 78 -24.22 -9.45 1.51
C ASN A 78 -23.66 -8.92 2.84
N GLY A 79 -23.06 -7.74 2.80
CA GLY A 79 -22.51 -7.05 3.95
C GLY A 79 -22.62 -5.54 3.81
N TYR A 80 -22.43 -4.79 4.91
CA TYR A 80 -22.49 -3.33 4.88
C TYR A 80 -21.15 -2.77 4.44
N ASN A 81 -21.17 -1.85 3.45
CA ASN A 81 -19.99 -1.29 2.81
C ASN A 81 -19.49 0.08 3.29
N GLN A 82 -19.68 0.37 4.59
CA GLN A 82 -19.25 1.63 5.20
C GLN A 82 -17.71 1.79 5.26
N ASN A 83 -16.96 0.66 5.18
CA ASN A 83 -15.49 0.63 5.20
C ASN A 83 -14.86 0.27 3.84
N HIS A 84 -15.65 0.24 2.75
CA HIS A 84 -15.14 -0.09 1.40
C HIS A 84 -14.14 0.97 0.93
N GLY A 85 -12.96 0.53 0.52
CA GLY A 85 -11.92 1.45 0.10
C GLY A 85 -11.39 2.26 1.26
N ARG A 86 -11.18 1.56 2.39
CA ARG A 86 -10.55 2.12 3.58
C ARG A 86 -9.25 1.34 3.80
N LYS A 87 -8.16 2.08 4.03
CA LYS A 87 -6.84 1.51 4.23
C LYS A 87 -6.57 1.25 5.70
N PHE A 88 -6.09 0.05 6.00
CA PHE A 88 -5.72 -0.38 7.35
C PHE A 88 -4.27 -0.86 7.30
N VAL A 89 -3.47 -0.46 8.30
CA VAL A 89 -2.05 -0.81 8.39
C VAL A 89 -1.91 -2.10 9.22
N GLN A 90 -0.85 -2.90 8.96
CA GLN A 90 -0.53 -4.15 9.66
C GLN A 90 -0.73 -4.02 11.18
N GLY A 91 -1.50 -4.96 11.74
CA GLY A 91 -1.80 -5.01 13.17
C GLY A 91 -3.18 -4.52 13.52
N LYS A 92 -3.74 -3.61 12.70
CA LYS A 92 -5.06 -3.05 12.92
C LYS A 92 -6.18 -4.02 12.58
N SER A 93 -7.27 -3.96 13.37
CA SER A 93 -8.44 -4.81 13.19
C SER A 93 -9.68 -3.97 12.91
N ILE A 94 -10.70 -4.58 12.31
CA ILE A 94 -11.96 -3.92 11.98
C ILE A 94 -13.13 -4.90 12.04
N ASP A 95 -14.25 -4.45 12.63
CA ASP A 95 -15.49 -5.23 12.76
C ASP A 95 -16.07 -5.47 11.37
N VAL A 96 -16.66 -6.64 11.15
CA VAL A 96 -17.29 -6.94 9.86
C VAL A 96 -18.80 -6.97 10.09
N ALA A 97 -19.52 -6.02 9.46
CA ALA A 97 -20.96 -5.91 9.57
C ALA A 97 -21.64 -6.56 8.36
N CYS A 98 -22.22 -7.76 8.56
CA CYS A 98 -22.90 -8.52 7.51
C CYS A 98 -24.38 -8.22 7.47
N HIS A 99 -25.01 -8.49 6.33
CA HIS A 99 -26.45 -8.37 6.13
C HIS A 99 -27.14 -9.46 6.99
N PRO A 100 -28.43 -9.28 7.39
CA PRO A 100 -29.09 -10.33 8.19
C PRO A 100 -29.14 -11.64 7.41
N GLY A 101 -28.73 -12.72 8.08
CA GLY A 101 -28.68 -14.05 7.51
C GLY A 101 -27.30 -14.44 7.01
N TYR A 102 -26.32 -13.53 7.18
CA TYR A 102 -24.94 -13.74 6.78
C TYR A 102 -24.00 -13.46 7.95
N ALA A 103 -22.82 -14.09 7.93
CA ALA A 103 -21.82 -13.95 8.96
C ALA A 103 -20.41 -14.26 8.43
N LEU A 104 -19.38 -13.92 9.22
CA LEU A 104 -18.01 -14.25 8.91
C LEU A 104 -17.88 -15.73 9.27
N PRO A 105 -17.12 -16.56 8.50
CA PRO A 105 -17.00 -17.98 8.85
C PRO A 105 -16.43 -18.23 10.25
N LYS A 106 -16.74 -19.41 10.83
CA LYS A 106 -16.26 -19.85 12.14
C LYS A 106 -16.62 -18.91 13.32
N ALA A 107 -17.77 -18.22 13.20
CA ALA A 107 -18.34 -17.30 14.19
C ALA A 107 -17.42 -16.12 14.57
N GLN A 108 -16.65 -15.63 13.57
CA GLN A 108 -15.74 -14.50 13.73
C GLN A 108 -16.51 -13.17 13.69
N THR A 109 -16.01 -12.15 14.40
CA THR A 109 -16.63 -10.83 14.50
C THR A 109 -15.74 -9.69 13.93
N THR A 110 -14.43 -9.98 13.75
CA THR A 110 -13.41 -9.03 13.30
C THR A 110 -12.36 -9.65 12.37
N VAL A 111 -11.79 -8.81 11.49
CA VAL A 111 -10.69 -9.18 10.58
C VAL A 111 -9.47 -8.36 10.99
N THR A 112 -8.27 -8.91 10.86
CA THR A 112 -7.04 -8.23 11.27
C THR A 112 -6.04 -8.19 10.12
N CYS A 113 -5.40 -7.03 9.92
CA CYS A 113 -4.39 -6.88 8.89
C CYS A 113 -3.05 -7.49 9.37
N MET A 114 -2.68 -8.62 8.77
CA MET A 114 -1.45 -9.37 9.09
C MET A 114 -0.45 -9.18 7.95
N GLU A 115 0.80 -9.60 8.18
CA GLU A 115 1.90 -9.55 7.19
C GLU A 115 1.50 -10.11 5.81
N ASN A 116 0.58 -11.11 5.77
CA ASN A 116 0.14 -11.72 4.51
C ASN A 116 -1.28 -11.32 4.04
N GLY A 117 -1.84 -10.28 4.66
CA GLY A 117 -3.17 -9.78 4.33
C GLY A 117 -4.17 -9.92 5.47
N TRP A 118 -5.47 -9.81 5.13
CA TRP A 118 -6.56 -9.90 6.10
C TRP A 118 -6.69 -11.30 6.70
N SER A 119 -6.90 -11.36 8.03
CA SER A 119 -7.12 -12.64 8.72
C SER A 119 -8.28 -12.58 9.69
N PRO A 120 -9.38 -13.31 9.39
CA PRO A 120 -9.64 -14.11 8.18
C PRO A 120 -10.01 -13.20 7.00
N THR A 121 -10.35 -13.79 5.84
CA THR A 121 -10.77 -13.02 4.66
C THR A 121 -12.11 -12.31 4.98
N PRO A 122 -12.24 -10.98 4.76
CA PRO A 122 -13.50 -10.32 5.07
C PRO A 122 -14.55 -10.69 4.02
N ARG A 123 -15.40 -11.67 4.38
CA ARG A 123 -16.45 -12.21 3.53
C ARG A 123 -17.68 -12.66 4.33
N CYS A 124 -18.86 -12.25 3.86
CA CYS A 124 -20.15 -12.60 4.46
C CYS A 124 -20.77 -13.71 3.62
N ILE A 125 -20.25 -14.94 3.87
CA ILE A 125 -20.55 -16.25 3.25
C ILE A 125 -21.51 -16.25 2.04
N LEU B 21 7.62 18.07 -25.20
CA LEU B 21 7.08 17.32 -24.04
C LEU B 21 5.96 16.37 -24.48
N ALA B 22 4.94 16.90 -25.19
CA ALA B 22 3.80 16.14 -25.71
C ALA B 22 4.26 15.05 -26.68
N ASP B 23 5.25 15.39 -27.55
CA ASP B 23 5.85 14.49 -28.53
C ASP B 23 6.57 13.32 -27.84
N ALA B 24 7.28 13.60 -26.73
CA ALA B 24 7.98 12.61 -25.91
C ALA B 24 7.02 11.55 -25.38
N LEU B 25 5.76 11.94 -25.13
CA LEU B 25 4.70 11.07 -24.62
C LEU B 25 3.94 10.29 -25.70
N THR B 26 3.93 10.77 -26.96
CA THR B 26 3.15 10.14 -28.03
C THR B 26 3.94 9.63 -29.26
N ALA B 27 4.91 10.41 -29.76
CA ALA B 27 5.69 10.08 -30.95
C ALA B 27 6.65 8.88 -30.81
N PRO B 28 6.85 8.07 -31.88
CA PRO B 28 7.77 6.93 -31.77
C PRO B 28 9.25 7.29 -31.96
N LEU B 29 10.14 6.34 -31.64
CA LEU B 29 11.60 6.50 -31.72
C LEU B 29 12.16 6.50 -33.15
N ASP B 30 12.96 7.53 -33.48
CA ASP B 30 13.64 7.69 -34.78
C ASP B 30 15.11 8.09 -34.58
N HIS B 31 16.02 7.52 -35.41
CA HIS B 31 17.48 7.76 -35.38
C HIS B 31 17.87 9.23 -35.50
N LYS B 32 17.08 10.03 -36.23
CA LYS B 32 17.31 11.46 -36.48
C LYS B 32 17.27 12.34 -35.22
N ASP B 33 16.76 11.80 -34.11
CA ASP B 33 16.65 12.48 -32.83
C ASP B 33 17.99 12.58 -32.09
N LYS B 34 18.18 13.68 -31.35
CA LYS B 34 19.38 13.92 -30.53
C LYS B 34 19.26 13.07 -29.26
N GLY B 35 20.17 12.10 -29.12
CA GLY B 35 20.22 11.17 -27.99
C GLY B 35 20.46 11.83 -26.65
N LEU B 36 20.13 11.18 -25.50
CA LEU B 36 19.52 9.86 -25.29
C LEU B 36 18.10 9.84 -25.87
N LYS B 37 17.77 8.81 -26.66
CA LYS B 37 16.48 8.72 -27.35
C LYS B 37 15.39 8.04 -26.54
N SER B 38 15.73 6.94 -25.87
CA SER B 38 14.77 6.14 -25.13
C SER B 38 15.20 5.94 -23.66
N LEU B 39 14.21 6.03 -22.76
CA LEU B 39 14.44 5.86 -21.33
C LEU B 39 13.35 5.02 -20.67
N THR B 40 13.74 3.93 -19.98
CA THR B 40 12.82 3.07 -19.22
C THR B 40 12.60 3.64 -17.79
N LEU B 41 11.37 3.51 -17.24
CA LEU B 41 11.01 4.11 -15.95
C LEU B 41 10.63 3.14 -14.80
N GLU B 42 11.02 1.85 -14.89
CA GLU B 42 10.72 0.80 -13.89
C GLU B 42 10.87 1.22 -12.41
N ASP B 43 11.95 1.95 -12.09
CA ASP B 43 12.25 2.41 -10.72
C ASP B 43 11.33 3.53 -10.21
N SER B 44 10.64 4.21 -11.12
CA SER B 44 9.69 5.28 -10.80
C SER B 44 8.23 4.77 -10.68
N ILE B 45 8.01 3.45 -10.84
CA ILE B 45 6.68 2.80 -10.79
C ILE B 45 6.53 1.91 -9.52
N PRO B 46 6.04 2.46 -8.38
CA PRO B 46 5.96 1.64 -7.16
C PRO B 46 4.76 0.71 -7.04
N GLN B 47 4.87 -0.27 -6.13
CA GLN B 47 3.85 -1.24 -5.74
C GLN B 47 3.21 -2.00 -6.91
N ASN B 48 4.02 -2.28 -7.96
CA ASN B 48 3.63 -3.00 -9.17
C ASN B 48 2.38 -2.39 -9.85
N GLY B 49 2.26 -1.06 -9.73
CA GLY B 49 1.14 -0.31 -10.28
C GLY B 49 1.46 0.29 -11.62
N THR B 50 0.93 1.52 -11.86
CA THR B 50 1.15 2.27 -13.09
C THR B 50 1.59 3.70 -12.78
N LEU B 51 2.31 4.30 -13.73
CA LEU B 51 2.76 5.69 -13.68
C LEU B 51 2.20 6.35 -14.94
N THR B 52 1.49 7.47 -14.78
CA THR B 52 0.94 8.22 -15.91
C THR B 52 1.59 9.60 -15.91
N LEU B 53 2.24 9.95 -17.04
CA LEU B 53 2.87 11.25 -17.24
C LEU B 53 2.01 12.07 -18.18
N SER B 54 1.80 13.35 -17.86
CA SER B 54 1.01 14.26 -18.68
C SER B 54 1.66 15.64 -18.81
N ALA B 55 1.66 16.19 -20.04
CA ALA B 55 2.18 17.52 -20.39
C ALA B 55 1.63 17.95 -21.76
N GLN B 56 1.18 19.23 -21.85
CA GLN B 56 0.65 19.88 -23.06
C GLN B 56 -0.49 19.08 -23.74
N GLY B 57 -1.48 18.67 -22.95
CA GLY B 57 -2.64 17.90 -23.40
C GLY B 57 -2.38 16.44 -23.77
N ALA B 58 -1.12 15.97 -23.68
CA ALA B 58 -0.75 14.60 -23.99
C ALA B 58 -0.65 13.74 -22.74
N GLU B 59 -0.69 12.41 -22.90
CA GLU B 59 -0.67 11.45 -21.81
C GLU B 59 -0.11 10.09 -22.27
N LYS B 60 0.65 9.44 -21.37
CA LYS B 60 1.23 8.10 -21.56
C LYS B 60 1.32 7.42 -20.20
N THR B 61 0.94 6.14 -20.14
CA THR B 61 0.92 5.31 -18.94
C THR B 61 2.00 4.23 -19.03
N PHE B 62 2.70 4.00 -17.91
CA PHE B 62 3.78 3.01 -17.81
C PHE B 62 3.45 1.97 -16.74
N LYS B 63 3.44 0.69 -17.12
CA LYS B 63 3.17 -0.41 -16.18
C LYS B 63 4.50 -1.01 -15.74
N ALA B 64 4.62 -1.25 -14.41
CA ALA B 64 5.81 -1.80 -13.74
C ALA B 64 6.41 -3.06 -14.38
N GLY B 65 5.54 -3.93 -14.90
CA GLY B 65 5.91 -5.19 -15.54
C GLY B 65 6.87 -5.08 -16.72
N ASP B 66 6.32 -4.75 -17.90
CA ASP B 66 7.08 -4.63 -19.14
C ASP B 66 8.17 -3.56 -19.12
N LYS B 67 9.28 -3.84 -19.81
CA LYS B 67 10.45 -2.95 -19.94
C LYS B 67 10.51 -2.37 -21.37
N ASP B 68 9.69 -2.91 -22.29
CA ASP B 68 9.61 -2.49 -23.70
C ASP B 68 9.00 -1.08 -23.85
N ASN B 69 8.11 -0.66 -22.92
CA ASN B 69 7.52 0.68 -22.93
C ASN B 69 8.52 1.67 -22.34
N SER B 70 8.76 2.79 -23.03
CA SER B 70 9.74 3.78 -22.59
C SER B 70 9.36 5.21 -22.96
N LEU B 71 10.00 6.19 -22.32
CA LEU B 71 9.81 7.61 -22.57
C LEU B 71 10.72 8.04 -23.73
N ASN B 72 10.14 8.74 -24.74
CA ASN B 72 10.88 9.22 -25.90
C ASN B 72 11.68 10.48 -25.53
N THR B 73 12.82 10.29 -24.87
CA THR B 73 13.70 11.38 -24.43
C THR B 73 14.36 12.13 -25.59
N GLY B 74 14.40 11.50 -26.76
CA GLY B 74 14.94 12.07 -27.99
C GLY B 74 14.23 13.33 -28.43
N LYS B 75 12.98 13.52 -27.98
CA LYS B 75 12.17 14.69 -28.30
C LYS B 75 12.43 15.83 -27.31
N LEU B 76 13.07 15.52 -26.16
CA LEU B 76 13.36 16.48 -25.10
C LEU B 76 14.67 17.22 -25.33
N LYS B 77 14.77 18.44 -24.77
CA LYS B 77 15.97 19.28 -24.86
C LYS B 77 17.11 18.74 -24.02
N ASN B 78 18.31 18.69 -24.60
CA ASN B 78 19.52 18.23 -23.91
C ASN B 78 20.02 19.29 -22.93
N ASP B 79 20.64 18.84 -21.81
CA ASP B 79 21.22 19.67 -20.75
C ASP B 79 20.19 20.59 -20.09
N LYS B 80 18.96 20.09 -19.98
CA LYS B 80 17.83 20.79 -19.36
C LYS B 80 16.89 19.80 -18.65
N ILE B 81 16.19 20.31 -17.63
CA ILE B 81 15.19 19.54 -16.89
C ILE B 81 13.88 19.65 -17.67
N SER B 82 13.22 18.52 -17.93
CA SER B 82 11.91 18.46 -18.56
C SER B 82 10.93 18.09 -17.47
N ARG B 83 9.84 18.85 -17.32
CA ARG B 83 8.87 18.64 -16.26
C ARG B 83 7.51 18.16 -16.76
N PHE B 84 7.11 16.95 -16.34
CA PHE B 84 5.84 16.32 -16.66
C PHE B 84 5.04 16.18 -15.38
N ASP B 85 3.72 16.27 -15.47
CA ASP B 85 2.88 16.04 -14.31
C ASP B 85 2.78 14.52 -14.14
N PHE B 86 2.90 14.02 -12.91
CA PHE B 86 2.84 12.57 -12.69
C PHE B 86 1.72 12.14 -11.75
N VAL B 87 1.25 10.91 -11.93
CA VAL B 87 0.29 10.25 -11.08
C VAL B 87 0.64 8.76 -11.02
N GLN B 88 0.93 8.27 -9.80
CA GLN B 88 1.25 6.87 -9.54
C GLN B 88 -0.04 6.20 -9.02
N LYS B 89 -0.52 5.17 -9.73
CA LYS B 89 -1.77 4.48 -9.41
C LYS B 89 -1.57 3.01 -9.09
N ILE B 90 -2.50 2.43 -8.32
CA ILE B 90 -2.51 1.00 -7.97
C ILE B 90 -3.93 0.45 -8.16
N GLU B 91 -4.06 -0.84 -8.48
CA GLU B 91 -5.36 -1.48 -8.65
C GLU B 91 -5.68 -2.28 -7.38
N VAL B 92 -6.78 -1.89 -6.68
CA VAL B 92 -7.24 -2.56 -5.45
C VAL B 92 -8.74 -2.84 -5.50
N ASP B 93 -9.13 -4.14 -5.39
CA ASP B 93 -10.52 -4.59 -5.37
C ASP B 93 -11.34 -4.01 -6.55
N GLY B 94 -10.86 -4.28 -7.77
CA GLY B 94 -11.46 -3.82 -9.01
C GLY B 94 -11.21 -2.36 -9.34
N GLN B 95 -11.25 -1.50 -8.29
CA GLN B 95 -11.06 -0.05 -8.31
C GLN B 95 -9.56 0.35 -8.41
N THR B 96 -9.27 1.39 -9.20
CA THR B 96 -7.91 1.92 -9.35
C THR B 96 -7.83 3.20 -8.53
N ILE B 97 -6.88 3.27 -7.59
CA ILE B 97 -6.67 4.43 -6.71
C ILE B 97 -5.29 5.08 -6.91
N THR B 98 -5.22 6.40 -6.70
CA THR B 98 -4.01 7.22 -6.80
C THR B 98 -3.15 7.04 -5.55
N LEU B 99 -1.91 6.53 -5.72
CA LEU B 99 -0.92 6.32 -4.64
C LEU B 99 -0.26 7.66 -4.28
N ALA B 100 0.13 8.43 -5.33
CA ALA B 100 0.80 9.72 -5.20
C ALA B 100 0.70 10.52 -6.50
N SER B 101 0.91 11.84 -6.40
CA SER B 101 0.95 12.73 -7.55
C SER B 101 1.88 13.92 -7.30
N GLY B 102 2.43 14.46 -8.37
CA GLY B 102 3.33 15.60 -8.32
C GLY B 102 4.00 15.86 -9.65
N GLU B 103 5.26 16.32 -9.60
CA GLU B 103 6.06 16.66 -10.76
C GLU B 103 7.22 15.70 -11.01
N PHE B 104 7.26 15.12 -12.21
CA PHE B 104 8.29 14.22 -12.68
C PHE B 104 9.39 15.08 -13.35
N GLN B 105 10.62 15.04 -12.81
CA GLN B 105 11.73 15.83 -13.37
C GLN B 105 12.76 14.94 -14.04
N ILE B 106 12.99 15.19 -15.32
CA ILE B 106 13.98 14.46 -16.12
C ILE B 106 15.07 15.38 -16.68
N TYR B 107 16.33 15.14 -16.28
CA TYR B 107 17.49 15.86 -16.79
C TYR B 107 18.12 14.97 -17.85
N LYS B 108 18.22 15.48 -19.07
CA LYS B 108 18.72 14.75 -20.23
C LYS B 108 20.15 15.10 -20.68
N GLN B 109 20.92 14.06 -21.01
CA GLN B 109 22.27 14.16 -21.58
C GLN B 109 22.33 13.32 -22.88
N ASN B 110 23.51 13.16 -23.50
CA ASN B 110 23.63 12.41 -24.76
C ASN B 110 23.52 10.91 -24.61
N HIS B 111 24.08 10.35 -23.52
CA HIS B 111 24.11 8.92 -23.22
C HIS B 111 23.55 8.62 -21.82
N SER B 112 22.91 9.62 -21.17
CA SER B 112 22.39 9.46 -19.80
C SER B 112 21.21 10.32 -19.43
N ALA B 113 20.52 9.97 -18.33
CA ALA B 113 19.40 10.73 -17.79
C ALA B 113 19.23 10.51 -16.29
N VAL B 114 18.83 11.56 -15.55
CA VAL B 114 18.57 11.52 -14.10
C VAL B 114 17.09 11.82 -13.90
N VAL B 115 16.38 10.89 -13.25
CA VAL B 115 14.95 11.00 -12.92
C VAL B 115 14.74 11.28 -11.43
N ALA B 116 14.01 12.37 -11.14
CA ALA B 116 13.63 12.76 -9.79
C ALA B 116 12.12 13.00 -9.74
N LEU B 117 11.50 12.67 -8.62
CA LEU B 117 10.07 12.83 -8.40
C LEU B 117 9.80 13.80 -7.28
N GLN B 118 9.10 14.90 -7.57
CA GLN B 118 8.70 15.85 -6.54
C GLN B 118 7.28 15.47 -6.20
N ILE B 119 7.11 14.70 -5.11
CA ILE B 119 5.79 14.25 -4.66
C ILE B 119 5.13 15.45 -3.99
N GLU B 120 3.92 15.77 -4.42
CA GLU B 120 3.13 16.89 -3.90
C GLU B 120 2.00 16.36 -3.01
N LYS B 121 1.36 15.26 -3.42
CA LYS B 121 0.28 14.64 -2.65
C LYS B 121 0.25 13.12 -2.70
N ILE B 122 -0.18 12.49 -1.60
CA ILE B 122 -0.29 11.04 -1.46
C ILE B 122 -1.73 10.63 -1.17
N ASN B 123 -2.06 9.32 -1.37
CA ASN B 123 -3.40 8.76 -1.10
C ASN B 123 -3.83 9.04 0.33
N ASN B 124 -5.09 9.48 0.51
CA ASN B 124 -5.63 9.74 1.85
C ASN B 124 -5.94 8.36 2.46
N PRO B 125 -5.23 7.96 3.56
CA PRO B 125 -5.47 6.61 4.14
C PRO B 125 -6.91 6.34 4.61
N ASP B 126 -7.62 7.41 5.03
CA ASP B 126 -8.99 7.37 5.54
C ASP B 126 -10.07 7.48 4.46
N LYS B 127 -9.75 8.12 3.31
CA LYS B 127 -10.65 8.27 2.18
C LYS B 127 -9.83 8.04 0.89
N THR B 128 -9.60 6.75 0.55
CA THR B 128 -8.76 6.28 -0.57
C THR B 128 -9.09 6.86 -1.96
N ASP B 129 -10.32 7.34 -2.17
CA ASP B 129 -10.71 7.95 -3.44
C ASP B 129 -10.23 9.43 -3.52
N SER B 130 -9.70 9.96 -2.39
CA SER B 130 -9.19 11.33 -2.28
C SER B 130 -7.67 11.39 -1.94
N LEU B 131 -7.09 12.62 -1.82
CA LEU B 131 -5.66 12.85 -1.56
C LEU B 131 -5.37 13.86 -0.44
N ILE B 132 -4.17 13.73 0.19
CA ILE B 132 -3.64 14.58 1.27
C ILE B 132 -2.29 15.19 0.81
N ASN B 133 -2.04 16.46 1.17
CA ASN B 133 -0.79 17.15 0.84
C ASN B 133 0.38 16.64 1.67
N GLN B 134 1.39 16.08 0.99
CA GLN B 134 2.63 15.56 1.59
C GLN B 134 3.74 15.67 0.55
N ARG B 135 4.68 16.58 0.82
CA ARG B 135 5.80 16.88 -0.06
C ARG B 135 7.07 16.12 0.29
N SER B 136 7.61 15.42 -0.73
CA SER B 136 8.88 14.70 -0.64
C SER B 136 9.55 14.72 -2.01
N PHE B 137 10.88 14.70 -2.01
CA PHE B 137 11.66 14.71 -3.23
C PHE B 137 12.63 13.52 -3.26
N LEU B 138 12.47 12.68 -4.28
CA LEU B 138 13.24 11.45 -4.47
C LEU B 138 13.93 11.40 -5.83
N VAL B 139 15.20 10.99 -5.86
CA VAL B 139 15.90 10.69 -7.12
C VAL B 139 15.65 9.20 -7.26
N SER B 140 14.72 8.83 -8.13
CA SER B 140 14.26 7.45 -8.29
C SER B 140 15.07 6.57 -9.23
N GLY B 141 15.72 7.16 -10.22
CA GLY B 141 16.50 6.36 -11.16
C GLY B 141 17.28 7.10 -12.21
N LEU B 142 18.01 6.30 -12.99
CA LEU B 142 18.87 6.76 -14.07
C LEU B 142 18.52 6.00 -15.34
N GLY B 143 19.20 6.34 -16.42
CA GLY B 143 19.04 5.69 -17.71
C GLY B 143 20.13 6.07 -18.67
N GLY B 144 20.37 5.19 -19.64
CA GLY B 144 21.37 5.40 -20.67
C GLY B 144 22.32 4.23 -20.87
N GLU B 145 23.28 4.44 -21.78
CA GLU B 145 24.29 3.46 -22.13
C GLU B 145 25.42 3.55 -21.11
N HIS B 146 25.44 2.61 -20.17
CA HIS B 146 26.45 2.54 -19.10
C HIS B 146 27.84 2.23 -19.67
N THR B 147 28.88 2.82 -19.05
CA THR B 147 30.27 2.56 -19.44
C THR B 147 30.67 1.28 -18.75
N ALA B 148 31.26 0.33 -19.50
CA ALA B 148 31.78 -0.90 -18.92
C ALA B 148 33.06 -0.51 -18.23
N PHE B 149 33.38 -1.15 -17.12
CA PHE B 149 34.59 -0.89 -16.36
C PHE B 149 35.86 -1.04 -17.25
N ASN B 150 35.80 -1.95 -18.25
CA ASN B 150 36.89 -2.23 -19.20
C ASN B 150 36.96 -1.23 -20.37
N GLN B 151 36.06 -0.23 -20.39
CA GLN B 151 36.01 0.82 -21.40
C GLN B 151 36.57 2.15 -20.85
N LEU B 152 37.04 2.13 -19.59
CA LEU B 152 37.61 3.31 -18.93
C LEU B 152 38.88 3.76 -19.65
N PRO B 153 38.95 5.05 -20.07
CA PRO B 153 40.19 5.53 -20.71
C PRO B 153 41.34 5.66 -19.71
N GLY B 154 42.50 6.10 -20.18
CA GLY B 154 43.63 6.34 -19.29
C GLY B 154 43.62 7.79 -18.85
N GLY B 155 44.43 8.09 -17.85
CA GLY B 155 44.57 9.45 -17.33
C GLY B 155 43.40 9.98 -16.53
N LYS B 156 42.99 11.21 -16.85
CA LYS B 156 41.92 11.96 -16.17
C LYS B 156 40.83 12.49 -17.11
N ALA B 157 39.65 12.78 -16.53
CA ALA B 157 38.50 13.38 -17.20
C ALA B 157 37.79 14.35 -16.26
N GLU B 158 37.22 15.42 -16.82
CA GLU B 158 36.51 16.44 -16.10
C GLU B 158 35.08 16.53 -16.61
N TYR B 159 34.10 16.64 -15.70
CA TYR B 159 32.67 16.68 -16.02
C TYR B 159 32.01 17.90 -15.43
N HIS B 160 31.11 18.52 -16.21
CA HIS B 160 30.33 19.70 -15.82
C HIS B 160 28.88 19.52 -16.16
N GLY B 161 28.02 19.87 -15.22
CA GLY B 161 26.58 19.76 -15.44
C GLY B 161 25.70 20.29 -14.33
N LYS B 162 24.52 19.70 -14.21
CA LYS B 162 23.52 20.12 -13.26
C LYS B 162 23.51 19.34 -11.95
N ALA B 163 23.02 20.00 -10.93
CA ALA B 163 22.72 19.52 -9.60
C ALA B 163 21.32 20.10 -9.33
N PHE B 164 20.35 19.25 -9.01
CA PHE B 164 19.00 19.74 -8.76
C PHE B 164 18.35 19.04 -7.58
N SER B 165 17.57 19.80 -6.82
CA SER B 165 16.89 19.33 -5.62
C SER B 165 15.45 19.91 -5.53
N SER B 166 14.73 19.64 -4.41
CA SER B 166 13.38 20.16 -4.19
C SER B 166 13.40 21.69 -4.26
N ASP B 167 12.65 22.27 -5.21
CA ASP B 167 12.57 23.73 -5.52
C ASP B 167 13.96 24.40 -5.67
N ASP B 168 14.91 23.67 -6.30
CA ASP B 168 16.30 24.12 -6.46
C ASP B 168 16.89 23.50 -7.76
N PRO B 169 16.51 24.02 -8.95
CA PRO B 169 16.96 23.38 -10.20
C PRO B 169 18.17 24.00 -10.87
N ASN B 170 18.88 24.91 -10.20
CA ASN B 170 20.01 25.59 -10.83
C ASN B 170 21.39 25.38 -10.23
N GLY B 171 21.54 24.33 -9.44
CA GLY B 171 22.84 23.95 -8.88
C GLY B 171 23.76 23.47 -10.00
N ARG B 172 25.08 23.49 -9.73
CA ARG B 172 26.07 23.07 -10.71
C ARG B 172 26.91 21.94 -10.19
N LEU B 173 27.29 21.03 -11.08
CA LEU B 173 28.14 19.91 -10.76
C LEU B 173 29.50 20.08 -11.45
N HIS B 174 30.59 19.95 -10.68
CA HIS B 174 31.98 19.94 -11.13
C HIS B 174 32.54 18.60 -10.62
N TYR B 175 33.11 17.79 -11.52
CA TYR B 175 33.61 16.49 -11.10
C TYR B 175 34.83 16.06 -11.88
N SER B 176 35.82 15.50 -11.16
CA SER B 176 37.07 14.99 -11.77
C SER B 176 37.31 13.50 -11.46
N ILE B 177 37.68 12.72 -12.49
CA ILE B 177 37.96 11.29 -12.36
C ILE B 177 39.37 10.96 -12.81
N ASP B 178 40.17 10.35 -11.93
CA ASP B 178 41.49 9.85 -12.29
C ASP B 178 41.25 8.35 -12.57
N PHE B 179 41.18 7.99 -13.86
CA PHE B 179 40.92 6.61 -14.28
C PHE B 179 42.02 5.65 -13.90
N THR B 180 43.27 6.11 -13.97
CA THR B 180 44.43 5.30 -13.61
C THR B 180 44.41 4.96 -12.11
N LYS B 181 44.14 5.97 -11.27
CA LYS B 181 44.06 5.87 -9.81
C LYS B 181 42.73 5.26 -9.36
N LYS B 182 41.77 5.03 -10.30
CA LYS B 182 40.42 4.50 -10.07
C LYS B 182 39.68 5.35 -8.97
N GLN B 183 39.76 6.69 -9.11
CA GLN B 183 39.25 7.61 -8.12
C GLN B 183 38.64 8.89 -8.70
N GLY B 184 37.64 9.42 -8.01
CA GLY B 184 36.96 10.65 -8.38
C GLY B 184 36.64 11.56 -7.22
N TYR B 185 36.50 12.87 -7.50
CA TYR B 185 36.10 13.86 -6.51
C TYR B 185 35.38 14.98 -7.21
N GLY B 186 34.66 15.79 -6.45
CA GLY B 186 33.95 16.91 -7.06
C GLY B 186 33.21 17.81 -6.09
N ARG B 187 32.34 18.63 -6.65
CA ARG B 187 31.60 19.61 -5.88
C ARG B 187 30.26 19.92 -6.53
N ILE B 188 29.29 20.23 -5.65
CA ILE B 188 27.97 20.71 -6.00
C ILE B 188 27.95 22.17 -5.49
N GLU B 189 27.60 23.10 -6.39
CA GLU B 189 27.53 24.53 -6.12
C GLU B 189 26.17 25.04 -6.45
N HIS B 190 25.84 26.22 -5.90
CA HIS B 190 24.64 27.00 -6.20
C HIS B 190 23.31 26.32 -5.94
N LEU B 191 23.21 25.62 -4.79
CA LEU B 191 21.95 25.01 -4.35
C LEU B 191 21.44 25.89 -3.21
N LYS B 192 20.39 26.65 -3.51
CA LYS B 192 19.74 27.64 -2.66
C LYS B 192 19.31 27.12 -1.27
N THR B 193 18.81 25.87 -1.24
CA THR B 193 18.31 25.20 -0.03
C THR B 193 19.43 24.65 0.87
N LEU B 194 20.68 24.78 0.43
CA LEU B 194 21.87 24.31 1.14
C LEU B 194 22.79 25.49 1.47
N GLU B 195 23.14 25.66 2.77
CA GLU B 195 23.97 26.73 3.37
C GLU B 195 25.39 26.84 2.77
N GLN B 196 26.02 25.70 2.49
CA GLN B 196 27.37 25.64 1.93
C GLN B 196 27.35 24.90 0.60
N ASN B 197 28.48 24.89 -0.11
CA ASN B 197 28.60 24.09 -1.31
C ASN B 197 28.85 22.65 -0.85
N VAL B 198 28.39 21.66 -1.63
CA VAL B 198 28.60 20.30 -1.18
C VAL B 198 29.79 19.64 -1.81
N GLU B 199 30.75 19.25 -0.95
CA GLU B 199 31.96 18.54 -1.36
C GLU B 199 31.61 17.10 -1.67
N LEU B 200 32.06 16.62 -2.82
CA LEU B 200 31.88 15.22 -3.21
C LEU B 200 33.26 14.63 -3.00
N ALA B 201 33.51 14.10 -1.78
CA ALA B 201 34.79 13.55 -1.33
C ALA B 201 35.39 12.46 -2.23
N ALA B 202 36.74 12.34 -2.21
CA ALA B 202 37.50 11.36 -2.98
C ALA B 202 36.93 9.95 -2.76
N ALA B 203 36.45 9.35 -3.85
CA ALA B 203 35.76 8.06 -3.81
C ALA B 203 36.32 7.08 -4.81
N GLU B 204 36.18 5.79 -4.50
CA GLU B 204 36.66 4.69 -5.31
C GLU B 204 35.70 4.37 -6.44
N LEU B 205 36.27 4.22 -7.65
CA LEU B 205 35.62 3.81 -8.88
C LEU B 205 35.71 2.29 -8.92
N LYS B 206 34.55 1.63 -8.96
CA LYS B 206 34.43 0.16 -8.93
C LYS B 206 33.59 -0.31 -10.09
N ALA B 207 33.57 -1.65 -10.29
CA ALA B 207 32.69 -2.31 -11.26
C ALA B 207 31.50 -2.82 -10.43
N ASP B 208 30.27 -2.67 -10.95
CA ASP B 208 29.09 -3.18 -10.25
C ASP B 208 28.83 -4.63 -10.74
N GLU B 209 27.64 -5.20 -10.42
CA GLU B 209 27.24 -6.56 -10.81
C GLU B 209 27.20 -6.82 -12.32
N LYS B 210 26.87 -5.79 -13.13
CA LYS B 210 26.77 -5.85 -14.58
C LYS B 210 28.09 -5.39 -15.25
N SER B 211 29.18 -5.25 -14.46
CA SER B 211 30.51 -4.79 -14.86
C SER B 211 30.53 -3.35 -15.42
N HIS B 212 29.61 -2.52 -14.92
CA HIS B 212 29.52 -1.10 -15.27
C HIS B 212 30.33 -0.29 -14.28
N ALA B 213 30.90 0.82 -14.74
CA ALA B 213 31.73 1.69 -13.90
C ALA B 213 30.83 2.59 -13.02
N VAL B 214 31.08 2.56 -11.69
CA VAL B 214 30.35 3.32 -10.67
C VAL B 214 31.33 3.92 -9.67
N ILE B 215 30.91 4.99 -8.97
CA ILE B 215 31.66 5.67 -7.92
C ILE B 215 30.66 5.91 -6.78
N LEU B 216 31.08 5.77 -5.53
CA LEU B 216 30.24 6.07 -4.36
C LEU B 216 31.16 6.60 -3.27
N GLY B 217 30.74 7.69 -2.65
CA GLY B 217 31.52 8.31 -1.58
C GLY B 217 30.72 9.20 -0.67
N ASP B 218 31.43 10.03 0.11
CA ASP B 218 30.82 10.92 1.08
C ASP B 218 30.53 12.29 0.52
N THR B 219 29.44 12.90 1.02
CA THR B 219 29.10 14.29 0.74
C THR B 219 29.56 15.02 1.99
N ARG B 220 30.16 16.21 1.84
CA ARG B 220 30.65 16.97 2.99
C ARG B 220 30.35 18.46 2.93
N TYR B 221 30.34 19.09 4.13
CA TYR B 221 30.26 20.53 4.35
C TYR B 221 31.67 20.85 4.84
N GLY B 222 32.57 21.07 3.88
CA GLY B 222 33.99 21.28 4.15
C GLY B 222 34.64 19.92 4.39
N SER B 223 34.91 19.61 5.67
CA SER B 223 35.48 18.32 6.09
C SER B 223 34.44 17.45 6.82
N GLU B 224 33.29 18.07 7.22
CA GLU B 224 32.17 17.42 7.92
C GLU B 224 31.23 16.60 6.99
N GLU B 225 31.20 15.26 7.19
CA GLU B 225 30.36 14.27 6.48
C GLU B 225 28.86 14.53 6.74
N LYS B 226 28.01 14.46 5.70
CA LYS B 226 26.57 14.72 5.79
C LYS B 226 25.70 13.71 5.06
N GLY B 227 26.32 12.84 4.28
CA GLY B 227 25.58 11.86 3.47
C GLY B 227 26.45 11.13 2.47
N THR B 228 25.80 10.63 1.43
CA THR B 228 26.43 9.83 0.40
C THR B 228 26.06 10.31 -1.01
N TYR B 229 27.01 10.17 -1.93
CA TYR B 229 26.77 10.39 -3.35
C TYR B 229 27.22 9.15 -4.11
N HIS B 230 26.59 8.91 -5.24
CA HIS B 230 27.01 7.85 -6.13
C HIS B 230 26.72 8.23 -7.55
N LEU B 231 27.66 7.90 -8.43
CA LEU B 231 27.60 8.20 -9.85
C LEU B 231 27.84 6.95 -10.68
N ALA B 232 27.21 6.90 -11.85
CA ALA B 232 27.43 5.85 -12.82
C ALA B 232 28.02 6.55 -14.05
N LEU B 233 28.95 5.88 -14.74
CA LEU B 233 29.59 6.43 -15.92
C LEU B 233 28.81 6.00 -17.15
N PHE B 234 28.61 6.92 -18.10
CA PHE B 234 27.83 6.69 -19.32
C PHE B 234 28.57 7.02 -20.59
N GLY B 235 28.32 6.22 -21.63
CA GLY B 235 28.94 6.33 -22.95
C GLY B 235 30.14 5.42 -23.06
N ASP B 236 30.43 4.93 -24.28
CA ASP B 236 31.53 4.00 -24.59
C ASP B 236 32.96 4.48 -24.21
N ARG B 237 33.13 5.79 -23.93
CA ARG B 237 34.40 6.42 -23.53
C ARG B 237 34.25 7.19 -22.21
N ALA B 238 33.21 6.89 -21.40
CA ALA B 238 32.90 7.58 -20.12
C ALA B 238 32.73 9.10 -20.34
N GLN B 239 31.92 9.47 -21.35
CA GLN B 239 31.68 10.85 -21.74
C GLN B 239 30.85 11.56 -20.68
N GLU B 240 29.99 10.78 -19.96
CA GLU B 240 29.08 11.32 -18.95
C GLU B 240 29.03 10.61 -17.63
N ILE B 241 28.56 11.34 -16.62
CA ILE B 241 28.27 10.85 -15.29
C ILE B 241 26.84 11.27 -14.95
N ALA B 242 26.15 10.43 -14.21
CA ALA B 242 24.79 10.69 -13.73
C ALA B 242 24.59 9.92 -12.45
N GLY B 243 23.96 10.56 -11.48
CA GLY B 243 23.72 9.92 -10.20
C GLY B 243 22.89 10.76 -9.26
N SER B 244 23.16 10.61 -7.96
CA SER B 244 22.44 11.32 -6.91
C SER B 244 23.30 11.51 -5.68
N ALA B 245 22.95 12.49 -4.84
CA ALA B 245 23.68 12.78 -3.60
C ALA B 245 22.67 13.13 -2.52
N THR B 246 23.05 12.91 -1.27
CA THR B 246 22.21 13.29 -0.12
C THR B 246 23.01 14.12 0.87
N VAL B 247 22.30 15.05 1.51
CA VAL B 247 22.82 15.93 2.56
C VAL B 247 21.83 15.83 3.72
N LYS B 248 22.32 15.57 4.94
CA LYS B 248 21.44 15.49 6.10
C LYS B 248 21.68 16.70 7.00
N ILE B 249 20.70 17.62 7.04
CA ILE B 249 20.79 18.81 7.87
C ILE B 249 19.85 18.60 9.04
N GLY B 250 20.42 18.22 10.17
CA GLY B 250 19.67 17.84 11.36
C GLY B 250 19.03 16.51 11.10
N GLU B 251 17.71 16.50 10.99
CA GLU B 251 16.93 15.29 10.69
C GLU B 251 16.34 15.31 9.27
N LYS B 252 16.48 16.45 8.55
CA LYS B 252 15.99 16.63 7.18
C LYS B 252 16.99 16.07 6.17
N VAL B 253 16.54 15.14 5.32
CA VAL B 253 17.37 14.56 4.27
C VAL B 253 17.10 15.28 2.95
N HIS B 254 18.13 15.89 2.38
CA HIS B 254 18.02 16.56 1.09
C HIS B 254 18.54 15.62 0.02
N GLU B 255 17.68 15.23 -0.91
CA GLU B 255 18.08 14.41 -2.04
C GLU B 255 18.39 15.31 -3.22
N ILE B 256 19.51 15.01 -3.93
CA ILE B 256 19.98 15.83 -5.06
C ILE B 256 20.26 14.97 -6.29
N GLY B 257 19.72 15.38 -7.44
CA GLY B 257 19.96 14.75 -8.73
C GLY B 257 21.19 15.40 -9.35
N ILE B 258 22.18 14.60 -9.76
CA ILE B 258 23.42 15.15 -10.34
C ILE B 258 23.76 14.52 -11.68
N ALA B 259 24.19 15.33 -12.64
CA ALA B 259 24.57 14.84 -13.97
C ALA B 259 25.51 15.81 -14.65
N GLY B 260 26.56 15.29 -15.23
CA GLY B 260 27.57 16.07 -15.93
C GLY B 260 28.09 15.40 -17.17
N LYS B 261 28.88 16.13 -17.94
CA LYS B 261 29.49 15.62 -19.17
C LYS B 261 30.82 16.27 -19.40
N GLN B 262 31.64 15.60 -20.23
CA GLN B 262 32.93 16.11 -20.69
C GLN B 262 32.63 17.22 -21.71
N LEU B 263 33.23 18.40 -21.54
CA LEU B 263 32.95 19.55 -22.40
C LEU B 263 33.48 19.42 -23.83
N CYS C 7 -49.74 -16.21 -3.23
CA CYS C 7 -49.20 -15.61 -2.00
C CYS C 7 -48.49 -14.29 -2.28
N ASP C 8 -48.82 -13.25 -1.50
CA ASP C 8 -48.17 -11.94 -1.61
C ASP C 8 -46.82 -11.99 -0.87
N TYR C 9 -46.08 -10.87 -0.81
CA TYR C 9 -44.80 -10.82 -0.11
C TYR C 9 -44.94 -11.32 1.33
N PRO C 10 -44.09 -12.27 1.80
CA PRO C 10 -44.26 -12.77 3.17
C PRO C 10 -43.76 -11.82 4.24
N ASP C 11 -44.61 -11.54 5.23
CA ASP C 11 -44.23 -10.72 6.37
C ASP C 11 -43.68 -11.72 7.40
N ILE C 12 -42.35 -11.76 7.62
CA ILE C 12 -41.72 -12.73 8.54
C ILE C 12 -41.22 -12.06 9.80
N LYS C 13 -41.96 -12.23 10.91
CA LYS C 13 -41.55 -11.70 12.21
C LYS C 13 -40.27 -12.40 12.66
N HIS C 14 -39.27 -11.59 13.08
CA HIS C 14 -37.95 -12.02 13.58
C HIS C 14 -37.08 -12.72 12.52
N GLY C 15 -37.41 -12.45 11.27
CA GLY C 15 -36.68 -12.99 10.15
C GLY C 15 -36.87 -12.17 8.89
N GLY C 16 -36.73 -12.82 7.75
CA GLY C 16 -36.89 -12.17 6.47
C GLY C 16 -36.35 -13.00 5.33
N LEU C 17 -36.71 -12.64 4.11
CA LEU C 17 -36.23 -13.34 2.91
C LEU C 17 -34.81 -12.88 2.57
N TYR C 18 -33.99 -13.79 2.01
CA TYR C 18 -32.65 -13.50 1.50
C TYR C 18 -32.88 -12.83 0.15
N HIS C 19 -31.91 -12.05 -0.37
CA HIS C 19 -32.02 -11.40 -1.69
C HIS C 19 -33.38 -10.70 -1.88
N GLU C 20 -33.82 -9.93 -0.87
CA GLU C 20 -35.12 -9.25 -0.82
C GLU C 20 -35.37 -8.35 -2.05
N ASN C 21 -34.36 -7.55 -2.44
CA ASN C 21 -34.40 -6.62 -3.57
C ASN C 21 -34.72 -7.33 -4.89
N MET C 22 -34.05 -8.49 -5.14
CA MET C 22 -34.22 -9.29 -6.35
C MET C 22 -35.59 -9.99 -6.39
N ARG C 23 -36.06 -10.52 -5.23
CA ARG C 23 -37.31 -11.28 -5.12
C ARG C 23 -38.59 -10.46 -5.10
N ARG C 24 -38.55 -9.29 -4.41
CA ARG C 24 -39.69 -8.37 -4.27
C ARG C 24 -40.48 -8.10 -5.56
N PRO C 25 -39.84 -7.84 -6.75
CA PRO C 25 -40.62 -7.61 -7.98
C PRO C 25 -41.41 -8.79 -8.56
N TYR C 26 -41.36 -9.96 -7.93
CA TYR C 26 -42.05 -11.15 -8.43
C TYR C 26 -43.37 -11.46 -7.75
N PHE C 27 -43.74 -10.69 -6.71
CA PHE C 27 -44.95 -10.98 -5.94
C PHE C 27 -46.21 -10.42 -6.56
N PRO C 28 -47.37 -11.13 -6.50
CA PRO C 28 -47.62 -12.44 -5.87
C PRO C 28 -47.07 -13.65 -6.63
N VAL C 29 -46.76 -14.73 -5.89
CA VAL C 29 -46.21 -15.98 -6.44
C VAL C 29 -47.27 -17.07 -6.44
N ALA C 30 -47.21 -17.98 -7.43
CA ALA C 30 -48.15 -19.09 -7.55
C ALA C 30 -47.91 -20.13 -6.45
N VAL C 31 -48.92 -21.00 -6.23
CA VAL C 31 -48.83 -22.07 -5.23
C VAL C 31 -47.77 -23.08 -5.71
N GLY C 32 -46.86 -23.44 -4.81
CA GLY C 32 -45.76 -24.35 -5.09
C GLY C 32 -44.42 -23.64 -5.05
N LYS C 33 -44.44 -22.30 -5.12
CA LYS C 33 -43.23 -21.46 -5.07
C LYS C 33 -42.69 -21.41 -3.66
N TYR C 34 -41.35 -21.33 -3.54
CA TYR C 34 -40.68 -21.32 -2.25
C TYR C 34 -39.44 -20.46 -2.31
N TYR C 35 -39.08 -19.86 -1.17
CA TYR C 35 -37.92 -18.98 -1.07
C TYR C 35 -37.14 -19.19 0.20
N SER C 36 -35.83 -18.99 0.11
CA SER C 36 -34.92 -19.09 1.23
C SER C 36 -35.14 -17.89 2.17
N TYR C 37 -35.17 -18.15 3.48
CA TYR C 37 -35.37 -17.12 4.49
C TYR C 37 -34.46 -17.40 5.68
N TYR C 38 -34.14 -16.37 6.47
CA TYR C 38 -33.29 -16.47 7.65
C TYR C 38 -34.09 -16.07 8.90
N CYS C 39 -33.54 -16.39 10.09
CA CYS C 39 -34.11 -15.98 11.37
C CYS C 39 -33.07 -15.11 12.08
N ASP C 40 -33.53 -14.06 12.76
CA ASP C 40 -32.67 -13.15 13.50
C ASP C 40 -32.08 -13.83 14.72
N GLU C 41 -31.01 -13.24 15.29
CA GLU C 41 -30.34 -13.69 16.50
C GLU C 41 -31.41 -13.95 17.57
N HIS C 42 -31.30 -15.09 18.31
CA HIS C 42 -32.22 -15.55 19.36
C HIS C 42 -33.43 -16.32 18.79
N PHE C 43 -33.57 -16.38 17.47
CA PHE C 43 -34.65 -17.09 16.79
C PHE C 43 -34.09 -18.19 15.87
N GLU C 44 -34.92 -19.18 15.58
CA GLU C 44 -34.59 -20.35 14.77
C GLU C 44 -35.76 -20.78 13.92
N THR C 45 -35.50 -21.54 12.86
CA THR C 45 -36.56 -22.10 12.02
C THR C 45 -37.17 -23.33 12.73
N PRO C 46 -38.36 -23.83 12.34
CA PRO C 46 -38.88 -25.07 12.98
C PRO C 46 -37.95 -26.28 12.88
N SER C 47 -37.04 -26.32 11.89
CA SER C 47 -36.07 -27.38 11.70
C SER C 47 -34.84 -27.25 12.62
N GLY C 48 -34.75 -26.14 13.36
CA GLY C 48 -33.66 -25.88 14.29
C GLY C 48 -32.43 -25.26 13.66
N SER C 49 -32.59 -24.64 12.49
CA SER C 49 -31.48 -23.98 11.79
C SER C 49 -31.71 -22.45 11.77
N TYR C 50 -30.73 -21.65 11.29
CA TYR C 50 -30.92 -20.20 11.21
C TYR C 50 -31.63 -19.80 9.91
N TRP C 51 -31.67 -20.72 8.94
CA TRP C 51 -32.31 -20.49 7.66
C TRP C 51 -33.05 -21.73 7.16
N ASP C 52 -34.01 -21.52 6.27
CA ASP C 52 -34.80 -22.57 5.62
C ASP C 52 -35.54 -21.97 4.44
N HIS C 53 -36.53 -22.69 3.91
CA HIS C 53 -37.37 -22.25 2.82
C HIS C 53 -38.80 -22.04 3.31
N ILE C 54 -39.44 -20.97 2.83
CA ILE C 54 -40.84 -20.68 3.14
C ILE C 54 -41.62 -21.00 1.87
N HIS C 55 -42.73 -21.75 1.99
CA HIS C 55 -43.49 -22.26 0.85
C HIS C 55 -44.84 -21.64 0.68
N CYS C 56 -45.21 -21.35 -0.58
CA CYS C 56 -46.52 -20.82 -0.90
C CYS C 56 -47.41 -22.03 -1.17
N THR C 57 -48.28 -22.33 -0.18
CA THR C 57 -49.24 -23.44 -0.15
C THR C 57 -50.63 -22.88 -0.49
N GLN C 58 -51.62 -23.76 -0.68
CA GLN C 58 -53.02 -23.39 -0.95
C GLN C 58 -53.63 -22.69 0.26
N ASP C 59 -53.08 -22.94 1.47
CA ASP C 59 -53.47 -22.35 2.74
C ASP C 59 -52.62 -21.11 3.13
N GLY C 60 -51.79 -20.64 2.19
CA GLY C 60 -50.90 -19.51 2.41
C GLY C 60 -49.47 -19.93 2.66
N TRP C 61 -48.67 -19.03 3.27
CA TRP C 61 -47.25 -19.27 3.57
C TRP C 61 -47.03 -20.34 4.63
N SER C 62 -46.10 -21.28 4.37
CA SER C 62 -45.72 -22.37 5.27
C SER C 62 -44.19 -22.43 5.44
N PRO C 63 -43.65 -22.43 6.68
CA PRO C 63 -44.35 -22.41 7.98
C PRO C 63 -45.15 -21.14 8.25
N ALA C 64 -46.22 -21.30 9.00
CA ALA C 64 -47.09 -20.18 9.41
C ALA C 64 -46.31 -19.31 10.41
N VAL C 65 -45.48 -19.95 11.27
CA VAL C 65 -44.58 -19.27 12.22
C VAL C 65 -43.14 -19.65 11.76
N PRO C 66 -42.55 -18.87 10.84
CA PRO C 66 -41.22 -19.22 10.31
C PRO C 66 -40.07 -19.15 11.29
N CYS C 67 -40.13 -18.21 12.24
CA CYS C 67 -39.07 -18.01 13.22
C CYS C 67 -39.60 -18.17 14.62
N LEU C 68 -38.97 -19.07 15.36
CA LEU C 68 -39.31 -19.45 16.72
C LEU C 68 -38.22 -19.01 17.67
N ARG C 69 -38.60 -18.44 18.82
CA ARG C 69 -37.65 -17.99 19.84
C ARG C 69 -36.89 -19.11 20.50
N LYS C 70 -35.61 -18.84 20.78
CA LYS C 70 -34.71 -19.68 21.55
C LYS C 70 -34.56 -19.01 22.89
N CYS C 71 -34.92 -19.71 23.98
CA CYS C 71 -34.75 -19.24 25.37
C CYS C 71 -33.66 -20.09 26.00
N TYR C 72 -32.76 -19.46 26.73
CA TYR C 72 -31.65 -20.13 27.44
C TYR C 72 -31.95 -20.07 28.93
N PHE C 73 -31.86 -21.20 29.65
CA PHE C 73 -32.22 -21.15 31.07
C PHE C 73 -31.15 -20.41 31.88
N PRO C 74 -31.55 -19.34 32.61
CA PRO C 74 -30.55 -18.54 33.33
C PRO C 74 -30.08 -19.16 34.63
N TYR C 75 -28.93 -18.68 35.14
CA TYR C 75 -28.39 -19.10 36.44
C TYR C 75 -29.36 -18.64 37.51
N LEU C 76 -29.62 -19.50 38.49
CA LEU C 76 -30.54 -19.23 39.57
C LEU C 76 -29.80 -19.04 40.87
N GLU C 77 -29.86 -17.82 41.39
CA GLU C 77 -29.29 -17.51 42.71
C GLU C 77 -30.42 -17.96 43.62
N ASN C 78 -30.14 -18.77 44.65
CA ASN C 78 -31.17 -19.31 45.56
C ASN C 78 -32.11 -20.36 44.88
N GLY C 79 -31.58 -21.04 43.87
CA GLY C 79 -32.27 -22.11 43.16
C GLY C 79 -31.32 -23.18 42.65
N TYR C 80 -31.85 -24.33 42.23
CA TYR C 80 -31.05 -25.43 41.68
C TYR C 80 -30.78 -25.18 40.20
N ASN C 81 -29.51 -25.27 39.80
CA ASN C 81 -29.01 -24.95 38.46
C ASN C 81 -28.71 -26.09 37.49
N GLN C 82 -29.49 -27.20 37.55
CA GLN C 82 -29.25 -28.32 36.62
C GLN C 82 -29.52 -27.96 35.15
N ASN C 83 -30.33 -26.90 34.92
CA ASN C 83 -30.69 -26.48 33.57
C ASN C 83 -30.00 -25.23 33.10
N HIS C 84 -28.96 -24.77 33.83
CA HIS C 84 -28.22 -23.56 33.50
C HIS C 84 -27.56 -23.65 32.13
N GLY C 85 -27.92 -22.71 31.25
CA GLY C 85 -27.39 -22.60 29.88
C GLY C 85 -28.10 -23.41 28.81
N ARG C 86 -29.00 -24.32 29.22
CA ARG C 86 -29.80 -25.23 28.39
C ARG C 86 -30.74 -24.44 27.50
N LYS C 87 -30.80 -24.82 26.20
CA LYS C 87 -31.62 -24.16 25.21
C LYS C 87 -33.00 -24.78 25.12
N PHE C 88 -34.02 -23.93 25.15
CA PHE C 88 -35.42 -24.32 25.04
C PHE C 88 -36.01 -23.52 23.88
N VAL C 89 -36.81 -24.18 23.03
CA VAL C 89 -37.45 -23.58 21.86
C VAL C 89 -38.85 -23.11 22.28
N GLN C 90 -39.38 -22.05 21.63
CA GLN C 90 -40.70 -21.47 21.88
C GLN C 90 -41.78 -22.53 22.04
N GLY C 91 -42.54 -22.43 23.11
CA GLY C 91 -43.60 -23.38 23.42
C GLY C 91 -43.25 -24.35 24.53
N LYS C 92 -41.95 -24.67 24.65
CA LYS C 92 -41.43 -25.58 25.67
C LYS C 92 -41.40 -24.96 27.07
N SER C 93 -41.70 -25.79 28.07
CA SER C 93 -41.73 -25.37 29.47
C SER C 93 -40.71 -26.17 30.28
N ILE C 94 -40.31 -25.62 31.44
CA ILE C 94 -39.36 -26.26 32.34
C ILE C 94 -39.66 -25.91 33.80
N ASP C 95 -39.56 -26.90 34.69
CA ASP C 95 -39.78 -26.74 36.12
C ASP C 95 -38.68 -25.86 36.71
N VAL C 96 -39.05 -25.04 37.70
CA VAL C 96 -38.08 -24.21 38.41
C VAL C 96 -37.99 -24.76 39.84
N ALA C 97 -36.83 -25.31 40.20
CA ALA C 97 -36.56 -25.87 41.51
C ALA C 97 -35.77 -24.86 42.35
N CYS C 98 -36.43 -24.27 43.35
CA CYS C 98 -35.83 -23.25 44.22
C CYS C 98 -35.25 -23.86 45.49
N HIS C 99 -34.32 -23.13 46.13
CA HIS C 99 -33.73 -23.47 47.42
C HIS C 99 -34.81 -23.35 48.51
N PRO C 100 -34.69 -24.05 49.66
CA PRO C 100 -35.72 -23.92 50.71
C PRO C 100 -35.84 -22.46 51.17
N GLY C 101 -37.08 -21.98 51.23
CA GLY C 101 -37.39 -20.60 51.62
C GLY C 101 -37.56 -19.65 50.44
N TYR C 102 -37.44 -20.19 49.22
CA TYR C 102 -37.58 -19.42 47.98
C TYR C 102 -38.60 -20.10 47.07
N ALA C 103 -39.23 -19.32 46.20
CA ALA C 103 -40.24 -19.80 45.25
C ALA C 103 -40.36 -18.88 44.04
N LEU C 104 -41.01 -19.36 42.97
CA LEU C 104 -41.32 -18.53 41.81
C LEU C 104 -42.54 -17.72 42.26
N PRO C 105 -42.68 -16.42 41.87
CA PRO C 105 -43.86 -15.66 42.31
C PRO C 105 -45.20 -16.30 41.90
N LYS C 106 -46.27 -15.94 42.62
CA LYS C 106 -47.65 -16.40 42.38
C LYS C 106 -47.85 -17.92 42.47
N ALA C 107 -46.99 -18.62 43.25
CA ALA C 107 -46.99 -20.07 43.48
C ALA C 107 -46.86 -20.92 42.20
N GLN C 108 -46.16 -20.35 41.22
CA GLN C 108 -45.88 -20.95 39.93
C GLN C 108 -44.70 -21.92 40.11
N THR C 109 -44.67 -23.00 39.33
CA THR C 109 -43.59 -24.00 39.39
C THR C 109 -42.87 -24.14 38.06
N THR C 110 -43.47 -23.58 36.99
CA THR C 110 -42.90 -23.71 35.65
C THR C 110 -42.77 -22.39 34.88
N VAL C 111 -41.75 -22.31 34.01
CA VAL C 111 -41.53 -21.18 33.12
C VAL C 111 -41.70 -21.69 31.69
N THR C 112 -42.20 -20.86 30.77
CA THR C 112 -42.45 -21.26 29.39
C THR C 112 -41.75 -20.30 28.42
N CYS C 113 -41.04 -20.86 27.41
CA CYS C 113 -40.41 -20.03 26.39
C CYS C 113 -41.48 -19.48 25.44
N MET C 114 -41.68 -18.16 25.49
CA MET C 114 -42.64 -17.41 24.67
C MET C 114 -41.84 -16.60 23.66
N GLU C 115 -42.53 -16.01 22.66
CA GLU C 115 -41.94 -15.20 21.59
C GLU C 115 -40.95 -14.14 22.08
N ASN C 116 -41.27 -13.50 23.23
CA ASN C 116 -40.49 -12.44 23.84
C ASN C 116 -39.68 -12.87 25.08
N GLY C 117 -39.49 -14.17 25.25
CA GLY C 117 -38.70 -14.70 26.35
C GLY C 117 -39.47 -15.57 27.31
N TRP C 118 -38.85 -15.86 28.44
CA TRP C 118 -39.42 -16.71 29.48
C TRP C 118 -40.65 -16.10 30.14
N SER C 119 -41.69 -16.92 30.38
CA SER C 119 -42.91 -16.48 31.06
C SER C 119 -43.36 -17.45 32.15
N PRO C 120 -43.28 -17.05 33.42
CA PRO C 120 -42.73 -15.78 33.94
C PRO C 120 -41.18 -15.82 33.92
N THR C 121 -40.52 -14.78 34.44
CA THR C 121 -39.06 -14.74 34.50
C THR C 121 -38.57 -15.82 35.47
N PRO C 122 -37.60 -16.69 35.09
CA PRO C 122 -37.15 -17.71 36.03
C PRO C 122 -36.27 -17.06 37.10
N ARG C 123 -36.88 -16.76 38.25
CA ARG C 123 -36.27 -16.13 39.42
C ARG C 123 -36.79 -16.82 40.66
N CYS C 124 -35.90 -17.16 41.58
CA CYS C 124 -36.29 -17.75 42.85
C CYS C 124 -36.31 -16.64 43.91
N ILE C 125 -37.53 -16.20 44.26
CA ILE C 125 -37.87 -15.13 45.21
C ILE C 125 -37.08 -13.82 45.02
C1 EDO D . 21.27 9.27 -3.07
O1 EDO D . 20.17 8.92 -3.91
C2 EDO D . 21.74 7.97 -2.37
O2 EDO D . 22.94 8.13 -1.63
#